data_6W70
#
_entry.id   6W70
#
_cell.length_a   35.194
_cell.length_b   78.445
_cell.length_c   43.133
_cell.angle_alpha   90.000
_cell.angle_beta   106.950
_cell.angle_gamma   90.000
#
_symmetry.space_group_name_H-M   'P 1 21 1'
#
loop_
_entity.id
_entity.type
_entity.pdbx_description
1 polymer 'De novo designed ABLE'
2 non-polymer 'SULFATE ION'
3 non-polymer 'ACETATE ION'
4 non-polymer 1-(4-METHOXYPHENYL)-7-OXO-6-[4-(2-OXOPIPERIDIN-1-YL)PHENYL]-4,5,6,7-TETRAHYDRO-1H-PYRAZOLO[3,4-C]PYRIDINE-3-CARBOXAMIDE
5 water water
#
_entity_poly.entity_id   1
_entity_poly.type   'polypeptide(L)'
_entity_poly.pdbx_seq_one_letter_code
;SVKSEYAEAAAVGQEAVAVFNTMKAAFQNGDKEAVAQYLARLASLYTRHEELLNRILEKARREGNKEAVTLMNEFTATFQ
TGKSIFNAMVAAFKNGDDDSFESYLQALEKVTAKGETLADQIAKAL
;
_entity_poly.pdbx_strand_id   A,C
#
loop_
_chem_comp.id
_chem_comp.type
_chem_comp.name
_chem_comp.formula
ACT non-polymer 'ACETATE ION' 'C2 H3 O2 -1'
GG2 non-polymer 1-(4-METHOXYPHENYL)-7-OXO-6-[4-(2-OXOPIPERIDIN-1-YL)PHENYL]-4,5,6,7-TETRAHYDRO-1H-PYRAZOLO[3,4-C]PYRIDINE-3-CARBOXAMIDE 'C25 H25 N5 O4'
SO4 non-polymer 'SULFATE ION' 'O4 S -2'
#
# COMPACT_ATOMS: atom_id res chain seq x y z
N SER A 1 -22.18 0.09 -1.25
CA SER A 1 -22.52 -1.03 -0.41
C SER A 1 -21.50 -1.08 0.72
N VAL A 2 -21.73 -2.03 1.63
CA VAL A 2 -20.70 -2.37 2.61
C VAL A 2 -19.44 -2.84 1.89
N LYS A 3 -19.59 -3.60 0.81
CA LYS A 3 -18.41 -4.09 0.10
C LYS A 3 -17.63 -2.95 -0.54
N SER A 4 -18.29 -2.01 -1.21
CA SER A 4 -17.55 -0.94 -1.86
C SER A 4 -16.88 -0.02 -0.83
N GLU A 5 -17.58 0.25 0.28
CA GLU A 5 -16.99 1.02 1.37
C GLU A 5 -15.82 0.28 1.99
N TYR A 6 -15.92 -1.05 2.15
CA TYR A 6 -14.82 -1.86 2.64
C TYR A 6 -13.62 -1.70 1.70
N ALA A 7 -13.81 -1.73 0.39
CA ALA A 7 -12.68 -1.66 -0.52
C ALA A 7 -12.00 -0.30 -0.45
N GLU A 8 -12.76 0.76 -0.22
CA GLU A 8 -12.16 2.06 -0.02
C GLU A 8 -11.27 2.08 1.20
N ALA A 9 -11.75 1.54 2.31
CA ALA A 9 -10.97 1.52 3.54
C ALA A 9 -9.78 0.59 3.41
N ALA A 10 -9.94 -0.50 2.66
CA ALA A 10 -8.83 -1.42 2.43
C ALA A 10 -7.67 -0.72 1.72
N ALA A 11 -7.96 0.09 0.71
CA ALA A 11 -6.89 0.79 0.02
C ALA A 11 -6.15 1.77 0.92
N VAL A 12 -6.86 2.44 1.85
CA VAL A 12 -6.20 3.31 2.83
C VAL A 12 -5.33 2.47 3.77
N GLY A 13 -5.85 1.34 4.26
CA GLY A 13 -5.04 0.47 5.12
C GLY A 13 -3.83 -0.10 4.42
N GLN A 14 -3.98 -0.47 3.14
CA GLN A 14 -2.87 -1.01 2.36
C GLN A 14 -1.80 0.05 2.18
N GLU A 15 -2.20 1.29 1.95
CA GLU A 15 -1.22 2.39 1.90
C GLU A 15 -0.49 2.52 3.23
N ALA A 16 -1.24 2.49 4.33
CA ALA A 16 -0.61 2.64 5.65
C ALA A 16 0.43 1.56 5.89
N VAL A 17 0.16 0.31 5.49
CA VAL A 17 1.12 -0.76 5.69
C VAL A 17 2.37 -0.52 4.85
N ALA A 18 2.19 -0.15 3.59
CA ALA A 18 3.32 0.09 2.71
C ALA A 18 4.17 1.26 3.20
N VAL A 19 3.51 2.34 3.61
CA VAL A 19 4.24 3.50 4.13
C VAL A 19 5.02 3.15 5.39
N PHE A 20 4.45 2.32 6.26
CA PHE A 20 5.18 1.88 7.45
C PHE A 20 6.47 1.19 7.08
N ASN A 21 6.42 0.31 6.06
CA ASN A 21 7.64 -0.39 5.65
C ASN A 21 8.69 0.56 5.09
N THR A 22 8.26 1.56 4.31
CA THR A 22 9.21 2.56 3.80
C THR A 22 9.79 3.42 4.93
N MET A 23 8.95 3.76 5.91
CA MET A 23 9.42 4.49 7.09
C MET A 23 10.46 3.68 7.86
N LYS A 24 10.19 2.41 8.08
CA LYS A 24 11.11 1.56 8.83
C LYS A 24 12.46 1.46 8.13
N ALA A 25 12.46 1.28 6.80
CA ALA A 25 13.71 1.25 6.04
C ALA A 25 14.47 2.57 6.17
N ALA A 26 13.76 3.70 6.09
CA ALA A 26 14.42 4.99 6.28
C ALA A 26 15.07 5.07 7.65
N PHE A 27 14.41 4.56 8.69
CA PHE A 27 14.99 4.60 10.02
C PHE A 27 16.26 3.78 10.08
N GLN A 28 16.21 2.57 9.53
CA GLN A 28 17.39 1.71 9.52
C GLN A 28 18.54 2.33 8.71
N ASN A 29 18.22 3.14 7.72
CA ASN A 29 19.24 3.76 6.87
C ASN A 29 19.66 5.12 7.39
N GLY A 30 19.15 5.55 8.51
CA GLY A 30 19.51 6.81 9.11
C GLY A 30 18.95 8.08 8.49
N ASP A 31 17.93 7.95 7.65
CA ASP A 31 17.32 9.08 6.98
C ASP A 31 16.19 9.64 7.83
N LYS A 32 16.44 10.44 8.71
CA LYS A 32 15.52 10.93 9.68
C LYS A 32 14.53 11.94 9.14
N GLU A 33 14.99 12.61 8.06
CA GLU A 33 14.09 13.52 7.37
C GLU A 33 12.94 12.72 6.78
N ALA A 34 13.29 11.62 6.12
CA ALA A 34 12.30 10.73 5.52
C ALA A 34 11.45 10.08 6.60
N VAL A 35 12.06 9.60 7.69
CA VAL A 35 11.26 9.03 8.77
C VAL A 35 10.19 10.01 9.23
N ALA A 36 10.58 11.28 9.43
CA ALA A 36 9.65 12.30 9.92
C ALA A 36 8.48 12.48 8.95
N GLN A 37 8.79 12.61 7.66
CA GLN A 37 7.74 12.76 6.66
C GLN A 37 6.79 11.57 6.67
N TYR A 38 7.30 10.35 6.72
CA TYR A 38 6.44 9.18 6.64
C TYR A 38 5.65 8.98 7.92
N LEU A 39 6.20 9.36 9.09
CA LEU A 39 5.40 9.35 10.31
C LEU A 39 4.21 10.30 10.20
N ALA A 40 4.43 11.49 9.66
CA ALA A 40 3.31 12.39 9.48
C ALA A 40 2.29 11.80 8.50
N ARG A 41 2.77 11.17 7.42
CA ARG A 41 1.83 10.54 6.49
C ARG A 41 1.00 9.45 7.19
N LEU A 42 1.65 8.62 8.00
CA LEU A 42 0.93 7.58 8.71
C LEU A 42 -0.14 8.17 9.63
N ALA A 43 0.19 9.24 10.35
CA ALA A 43 -0.79 9.84 11.26
C ALA A 43 -2.05 10.20 10.50
N SER A 44 -1.91 10.81 9.34
CA SER A 44 -3.07 11.19 8.55
CA SER A 44 -3.05 11.27 8.50
C SER A 44 -3.84 9.99 8.02
N LEU A 45 -3.13 8.95 7.56
CA LEU A 45 -3.78 7.74 7.07
C LEU A 45 -4.56 7.05 8.18
N TYR A 46 -4.02 7.02 9.40
CA TYR A 46 -4.74 6.36 10.49
C TYR A 46 -6.03 7.09 10.83
N THR A 47 -6.00 8.42 10.85
CA THR A 47 -7.19 9.24 11.07
C THR A 47 -8.25 8.94 10.02
N ARG A 48 -7.83 8.92 8.75
CA ARG A 48 -8.77 8.64 7.66
C ARG A 48 -9.36 7.24 7.79
N HIS A 49 -8.53 6.26 8.09
CA HIS A 49 -9.02 4.89 8.22
C HIS A 49 -10.08 4.79 9.32
N GLU A 50 -9.81 5.44 10.45
CA GLU A 50 -10.74 5.43 11.58
C GLU A 50 -12.10 5.97 11.15
N GLU A 51 -12.08 7.08 10.42
CA GLU A 51 -13.31 7.71 9.95
C GLU A 51 -14.10 6.78 9.03
N LEU A 52 -13.39 6.10 8.14
CA LEU A 52 -14.02 5.18 7.20
C LEU A 52 -14.57 3.95 7.91
N LEU A 53 -13.82 3.40 8.84
CA LEU A 53 -14.21 2.23 9.57
C LEU A 53 -15.49 2.47 10.37
N ASN A 54 -15.58 3.62 11.01
CA ASN A 54 -16.76 3.87 11.80
C ASN A 54 -18.04 3.93 11.00
N ARG A 55 -17.98 4.48 9.81
CA ARG A 55 -19.14 4.52 8.95
C ARG A 55 -19.53 3.10 8.50
N ILE A 56 -18.55 2.29 8.12
CA ILE A 56 -18.85 0.92 7.72
C ILE A 56 -19.40 0.12 8.89
N LEU A 57 -18.82 0.29 10.07
CA LEU A 57 -19.28 -0.39 11.28
C LEU A 57 -20.76 -0.13 11.53
N GLU A 58 -21.18 1.13 11.45
CA GLU A 58 -22.58 1.44 11.73
C GLU A 58 -23.51 0.91 10.65
N LYS A 59 -23.08 0.90 9.39
CA LYS A 59 -23.89 0.30 8.34
C LYS A 59 -24.03 -1.20 8.55
N ALA A 60 -22.94 -1.89 8.87
CA ALA A 60 -23.01 -3.34 9.10
C ALA A 60 -23.89 -3.63 10.30
N ARG A 61 -23.84 -2.79 11.34
CA ARG A 61 -24.69 -2.98 12.50
C ARG A 61 -26.16 -2.84 12.13
N ARG A 62 -26.51 -1.78 11.40
CA ARG A 62 -27.91 -1.61 11.00
C ARG A 62 -28.39 -2.77 10.14
N GLU A 63 -27.50 -3.35 9.31
CA GLU A 63 -27.81 -4.44 8.42
C GLU A 63 -27.91 -5.77 9.16
N GLY A 64 -27.66 -5.80 10.46
CA GLY A 64 -27.75 -7.03 11.21
C GLY A 64 -26.62 -7.98 10.97
N ASN A 65 -25.52 -7.48 10.43
CA ASN A 65 -24.35 -8.34 10.18
C ASN A 65 -23.50 -8.44 11.50
N LYS A 66 -23.93 -9.21 12.41
CA LYS A 66 -23.29 -9.38 13.70
C LYS A 66 -21.88 -9.93 13.61
N GLU A 67 -21.63 -10.79 12.70
CA GLU A 67 -20.27 -11.30 12.55
C GLU A 67 -19.34 -10.17 12.05
N ALA A 68 -19.75 -9.43 11.05
CA ALA A 68 -18.86 -8.37 10.59
C ALA A 68 -18.63 -7.32 11.68
N VAL A 69 -19.66 -6.99 12.45
CA VAL A 69 -19.51 -6.03 13.54
C VAL A 69 -18.53 -6.56 14.58
N THR A 70 -18.67 -7.83 14.97
CA THR A 70 -17.77 -8.41 15.95
C THR A 70 -16.33 -8.32 15.45
N LEU A 71 -16.08 -8.67 14.20
CA LEU A 71 -14.74 -8.64 13.63
C LEU A 71 -14.22 -7.21 13.49
N MET A 72 -15.06 -6.28 13.15
CA MET A 72 -14.68 -4.86 13.07
C MET A 72 -14.26 -4.33 14.45
N ASN A 73 -15.00 -4.72 15.46
CA ASN A 73 -14.69 -4.32 16.85
C ASN A 73 -13.34 -4.94 17.25
N GLU A 74 -13.06 -6.16 16.85
CA GLU A 74 -11.75 -6.74 17.15
C GLU A 74 -10.67 -5.99 16.40
N PHE A 75 -10.93 -5.65 15.13
CA PHE A 75 -9.95 -4.89 14.36
C PHE A 75 -9.69 -3.53 15.00
N THR A 76 -10.75 -2.84 15.40
CA THR A 76 -10.58 -1.56 16.08
C THR A 76 -9.71 -1.70 17.31
N ALA A 77 -9.87 -2.77 18.09
CA ALA A 77 -9.08 -2.91 19.29
C ALA A 77 -7.59 -3.07 18.95
N THR A 78 -7.27 -3.88 17.93
CA THR A 78 -5.87 -4.03 17.53
C THR A 78 -5.34 -2.74 16.92
N PHE A 79 -6.13 -2.10 16.07
CA PHE A 79 -5.70 -0.87 15.41
C PHE A 79 -5.41 0.22 16.44
N GLN A 80 -6.27 0.38 17.43
CA GLN A 80 -6.11 1.40 18.47
C GLN A 80 -4.92 1.07 19.43
N THR A 81 -4.63 -0.20 19.64
CA THR A 81 -3.46 -0.60 20.38
C THR A 81 -2.28 -0.05 19.58
N GLY A 82 -2.24 -0.32 18.24
CA GLY A 82 -1.18 0.15 17.37
C GLY A 82 -1.08 1.66 17.32
N LYS A 83 -2.20 2.35 17.31
CA LYS A 83 -2.19 3.80 17.27
C LYS A 83 -1.53 4.39 18.50
N SER A 84 -1.86 3.83 19.65
CA SER A 84 -1.25 4.29 20.89
CA SER A 84 -1.25 4.28 20.91
C SER A 84 0.26 4.02 20.89
N ILE A 85 0.66 2.85 20.43
CA ILE A 85 2.08 2.56 20.28
C ILE A 85 2.73 3.52 19.32
N PHE A 86 2.08 3.80 18.19
CA PHE A 86 2.60 4.72 17.18
C PHE A 86 2.84 6.09 17.80
N ASN A 87 1.89 6.58 18.61
CA ASN A 87 2.05 7.89 19.22
C ASN A 87 3.26 7.93 20.16
N ALA A 88 3.47 6.85 20.92
CA ALA A 88 4.64 6.75 21.77
C ALA A 88 5.92 6.65 20.95
N MET A 89 5.86 5.99 19.80
CA MET A 89 7.02 5.88 18.93
C MET A 89 7.38 7.23 18.31
N VAL A 90 6.38 8.04 17.97
CA VAL A 90 6.63 9.38 17.47
C VAL A 90 7.35 10.23 18.53
N ALA A 91 6.93 10.11 19.79
CA ALA A 91 7.62 10.78 20.88
C ALA A 91 9.07 10.29 21.02
N ALA A 92 9.29 8.99 20.93
CA ALA A 92 10.64 8.47 21.01
C ALA A 92 11.51 8.99 19.86
N PHE A 93 10.93 9.10 18.67
CA PHE A 93 11.66 9.61 17.52
C PHE A 93 12.11 11.04 17.78
N LYS A 94 11.19 11.90 18.21
CA LYS A 94 11.60 13.28 18.39
C LYS A 94 12.54 13.47 19.57
N ASN A 95 12.55 12.53 20.51
CA ASN A 95 13.50 12.55 21.63
C ASN A 95 14.82 11.85 21.33
N GLY A 96 14.98 11.28 20.14
CA GLY A 96 16.18 10.56 19.78
C GLY A 96 16.40 9.30 20.56
N ASP A 97 15.33 8.68 21.07
CA ASP A 97 15.44 7.45 21.85
C ASP A 97 15.31 6.27 20.89
N ASP A 98 16.44 5.92 20.28
CA ASP A 98 16.42 4.94 19.19
C ASP A 98 16.15 3.52 19.69
N ASP A 99 16.55 3.18 20.91
CA ASP A 99 16.24 1.86 21.45
C ASP A 99 14.75 1.73 21.75
N SER A 100 14.14 2.79 22.24
CA SER A 100 12.69 2.77 22.38
C SER A 100 12.02 2.64 21.02
N PHE A 101 12.48 3.42 20.03
CA PHE A 101 11.89 3.39 18.69
C PHE A 101 11.92 1.97 18.13
N GLU A 102 13.04 1.29 18.26
CA GLU A 102 13.18 -0.10 17.78
C GLU A 102 12.23 -1.05 18.50
N SER A 103 12.07 -0.91 19.78
CA SER A 103 11.11 -1.74 20.51
C SER A 103 9.69 -1.50 20.00
N TYR A 104 9.31 -0.24 19.83
CA TYR A 104 7.99 0.06 19.30
C TYR A 104 7.80 -0.50 17.89
N LEU A 105 8.84 -0.46 17.04
CA LEU A 105 8.69 -1.02 15.68
C LEU A 105 8.35 -2.49 15.75
N GLN A 106 8.98 -3.20 16.64
CA GLN A 106 8.72 -4.60 16.78
C GLN A 106 7.28 -4.84 17.24
N ALA A 107 6.82 -4.06 18.18
CA ALA A 107 5.44 -4.19 18.65
C ALA A 107 4.44 -3.85 17.54
N LEU A 108 4.75 -2.84 16.74
CA LEU A 108 3.84 -2.49 15.65
C LEU A 108 3.79 -3.55 14.57
N GLU A 109 4.89 -4.23 14.29
CA GLU A 109 4.83 -5.36 13.35
C GLU A 109 3.88 -6.43 13.86
N LYS A 110 3.88 -6.71 15.15
CA LYS A 110 3.01 -7.73 15.70
C LYS A 110 1.53 -7.26 15.62
N VAL A 111 1.26 -6.00 15.91
CA VAL A 111 -0.09 -5.48 15.81
C VAL A 111 -0.55 -5.47 14.36
N THR A 112 0.32 -5.07 13.45
CA THR A 112 -0.06 -5.02 12.04
C THR A 112 -0.47 -6.41 11.55
N ALA A 113 0.26 -7.46 11.93
CA ALA A 113 -0.12 -8.81 11.53
C ALA A 113 -1.50 -9.16 12.07
N LYS A 114 -1.80 -8.80 13.32
CA LYS A 114 -3.12 -9.09 13.84
C LYS A 114 -4.20 -8.36 13.04
N GLY A 115 -3.93 -7.12 12.62
CA GLY A 115 -4.89 -6.37 11.83
C GLY A 115 -5.04 -6.90 10.42
N GLU A 116 -3.96 -7.41 9.84
CA GLU A 116 -4.02 -7.96 8.48
C GLU A 116 -4.94 -9.18 8.44
N THR A 117 -4.81 -10.09 9.40
CA THR A 117 -5.70 -11.25 9.37
C THR A 117 -7.14 -10.85 9.66
N LEU A 118 -7.36 -9.95 10.62
CA LEU A 118 -8.72 -9.49 10.88
C LEU A 118 -9.33 -8.81 9.65
N ALA A 119 -8.53 -8.06 8.89
CA ALA A 119 -9.03 -7.43 7.67
C ALA A 119 -9.51 -8.49 6.67
N ASP A 120 -8.76 -9.59 6.55
CA ASP A 120 -9.18 -10.68 5.67
C ASP A 120 -10.48 -11.31 6.16
N GLN A 121 -10.59 -11.51 7.46
CA GLN A 121 -11.80 -12.11 8.01
C GLN A 121 -13.00 -11.19 7.81
N ILE A 122 -12.81 -9.88 7.94
CA ILE A 122 -13.92 -8.95 7.74
C ILE A 122 -14.45 -9.08 6.32
N ALA A 123 -13.55 -9.16 5.35
CA ALA A 123 -14.00 -9.24 3.97
C ALA A 123 -14.86 -10.48 3.74
N LYS A 124 -14.59 -11.59 4.29
CA LYS A 124 -15.35 -12.81 4.20
C LYS A 124 -16.69 -12.76 4.89
N ALA A 125 -16.80 -11.90 5.85
CA ALA A 125 -18.06 -11.78 6.59
C ALA A 125 -19.05 -10.83 5.93
N LEU A 126 -18.67 -10.20 4.82
CA LEU A 126 -19.58 -9.28 4.17
C LEU A 126 -20.59 -9.95 3.24
N SER B 1 25.16 -0.13 -15.12
CA SER B 1 25.08 1.29 -14.76
C SER B 1 23.67 1.68 -14.33
N VAL B 2 23.57 2.80 -13.62
CA VAL B 2 22.38 3.50 -13.17
C VAL B 2 21.45 3.60 -14.38
N LYS B 3 22.07 4.16 -15.41
CA LYS B 3 21.46 4.46 -16.71
C LYS B 3 20.83 3.21 -17.32
N SER B 4 21.67 2.19 -17.42
CA SER B 4 21.26 0.94 -18.03
C SER B 4 20.15 0.28 -17.23
N GLU B 5 20.32 0.21 -15.90
CA GLU B 5 19.29 -0.47 -15.13
C GLU B 5 18.04 0.37 -15.06
N TYR B 6 18.15 1.71 -15.08
CA TYR B 6 16.96 2.52 -15.28
C TYR B 6 16.24 2.10 -16.54
N ALA B 7 16.96 1.91 -17.64
CA ALA B 7 16.28 1.64 -18.91
C ALA B 7 15.54 0.31 -18.89
N GLU B 8 16.09 -0.70 -18.23
CA GLU B 8 15.39 -1.98 -18.17
C GLU B 8 14.16 -1.91 -17.29
N ALA B 9 14.29 -1.27 -16.12
CA ALA B 9 13.13 -1.05 -15.26
C ALA B 9 12.09 -0.18 -15.95
N ALA B 10 12.53 0.79 -16.76
CA ALA B 10 11.57 1.64 -17.47
C ALA B 10 10.76 0.81 -18.46
N ALA B 11 11.41 -0.12 -19.17
CA ALA B 11 10.72 -0.97 -20.12
C ALA B 11 9.69 -1.85 -19.43
N VAL B 12 10.08 -2.50 -18.32
CA VAL B 12 9.14 -3.32 -17.58
C VAL B 12 7.99 -2.48 -17.04
N GLY B 13 8.30 -1.29 -16.51
CA GLY B 13 7.26 -0.44 -15.95
C GLY B 13 6.30 0.07 -17.03
N GLN B 14 6.83 0.44 -18.19
CA GLN B 14 5.95 0.83 -19.29
C GLN B 14 5.03 -0.32 -19.71
N GLU B 15 5.57 -1.54 -19.73
CA GLU B 15 4.75 -2.69 -20.07
C GLU B 15 3.68 -2.90 -19.01
N ALA B 16 4.04 -2.77 -17.73
CA ALA B 16 3.08 -2.93 -16.65
C ALA B 16 1.95 -1.93 -16.78
N VAL B 17 2.27 -0.67 -17.12
CA VAL B 17 1.21 0.32 -17.26
C VAL B 17 0.32 -0.02 -18.44
N ALA B 18 0.93 -0.42 -19.57
CA ALA B 18 0.14 -0.77 -20.75
C ALA B 18 -0.76 -1.96 -20.48
N VAL B 19 -0.24 -2.99 -19.81
CA VAL B 19 -1.04 -4.18 -19.51
C VAL B 19 -2.17 -3.83 -18.57
N PHE B 20 -1.94 -2.94 -17.60
CA PHE B 20 -3.01 -2.50 -16.72
C PHE B 20 -4.13 -1.83 -17.53
N ASN B 21 -3.78 -0.90 -18.41
CA ASN B 21 -4.80 -0.21 -19.18
C ASN B 21 -5.52 -1.14 -20.14
N THR B 22 -4.83 -2.15 -20.66
CA THR B 22 -5.46 -3.15 -21.53
C THR B 22 -6.44 -3.98 -20.73
N MET B 23 -6.02 -4.41 -19.54
CA MET B 23 -6.91 -5.14 -18.64
C MET B 23 -8.14 -4.33 -18.29
N LYS B 24 -7.95 -3.03 -18.01
CA LYS B 24 -9.07 -2.18 -17.64
C LYS B 24 -10.07 -2.05 -18.79
N ALA B 25 -9.58 -1.90 -20.01
CA ALA B 25 -10.44 -1.84 -21.18
C ALA B 25 -11.22 -3.14 -21.35
N ALA B 26 -10.56 -4.27 -21.15
CA ALA B 26 -11.26 -5.55 -21.25
C ALA B 26 -12.33 -5.66 -20.18
N PHE B 27 -12.05 -5.24 -18.95
CA PHE B 27 -13.03 -5.34 -17.88
C PHE B 27 -14.26 -4.49 -18.18
N GLN B 28 -14.05 -3.27 -18.67
CA GLN B 28 -15.14 -2.34 -18.93
C GLN B 28 -16.09 -2.85 -20.01
N ASN B 29 -15.60 -3.74 -20.86
CA ASN B 29 -16.40 -4.30 -21.93
C ASN B 29 -16.74 -5.77 -21.74
N GLY B 30 -16.55 -6.30 -20.54
CA GLY B 30 -17.05 -7.62 -20.22
C GLY B 30 -16.20 -8.77 -20.67
N ASP B 31 -14.96 -8.54 -21.09
CA ASP B 31 -14.15 -9.62 -21.65
C ASP B 31 -13.35 -10.28 -20.53
N LYS B 32 -13.98 -11.24 -19.87
CA LYS B 32 -13.41 -11.85 -18.68
C LYS B 32 -12.21 -12.72 -18.99
N GLU B 33 -12.19 -13.38 -20.17
CA GLU B 33 -11.02 -14.15 -20.56
C GLU B 33 -9.79 -13.24 -20.69
N ALA B 34 -9.97 -12.08 -21.31
CA ALA B 34 -8.84 -11.17 -21.47
C ALA B 34 -8.45 -10.58 -20.12
N VAL B 35 -9.41 -10.20 -19.29
CA VAL B 35 -9.05 -9.72 -17.95
C VAL B 35 -8.17 -10.74 -17.24
N ALA B 36 -8.55 -12.00 -17.24
CA ALA B 36 -7.79 -13.03 -16.55
C ALA B 36 -6.38 -13.17 -17.09
N GLN B 37 -6.25 -13.17 -18.39
CA GLN B 37 -4.94 -13.26 -19.05
C GLN B 37 -4.02 -12.11 -18.59
N TYR B 38 -4.54 -10.90 -18.63
CA TYR B 38 -3.74 -9.72 -18.33
C TYR B 38 -3.45 -9.61 -16.82
N LEU B 39 -4.38 -10.05 -15.97
CA LEU B 39 -4.07 -10.10 -14.56
C LEU B 39 -2.91 -11.04 -14.31
N ALA B 40 -2.91 -12.20 -14.98
CA ALA B 40 -1.78 -13.14 -14.83
C ALA B 40 -0.48 -12.50 -15.29
N ARG B 41 -0.50 -11.76 -16.40
CA ARG B 41 0.72 -11.09 -16.85
C ARG B 41 1.18 -10.03 -15.85
N LEU B 42 0.25 -9.23 -15.31
CA LEU B 42 0.58 -8.20 -14.34
C LEU B 42 1.25 -8.79 -13.11
N ALA B 43 0.75 -9.93 -12.62
CA ALA B 43 1.35 -10.52 -11.42
C ALA B 43 2.82 -10.79 -11.64
N SER B 44 3.19 -11.26 -12.82
CA SER B 44 4.58 -11.54 -13.12
C SER B 44 5.40 -10.27 -13.37
N LEU B 45 4.82 -9.30 -14.10
CA LEU B 45 5.50 -8.02 -14.28
C LEU B 45 5.80 -7.35 -12.97
N TYR B 46 4.88 -7.42 -12.01
CA TYR B 46 5.13 -6.79 -10.73
C TYR B 46 6.25 -7.51 -9.96
N THR B 47 6.36 -8.82 -10.13
CA THR B 47 7.42 -9.57 -9.46
C THR B 47 8.77 -9.12 -9.98
N ARG B 48 8.91 -9.05 -11.31
CA ARG B 48 10.18 -8.63 -11.89
C ARG B 48 10.48 -7.16 -11.61
N HIS B 49 9.47 -6.29 -11.67
CA HIS B 49 9.71 -4.88 -11.42
C HIS B 49 10.23 -4.67 -10.02
N GLU B 50 9.64 -5.36 -9.03
CA GLU B 50 10.09 -5.19 -7.65
C GLU B 50 11.56 -5.59 -7.51
N GLU B 51 11.96 -6.68 -8.19
CA GLU B 51 13.36 -7.09 -8.14
C GLU B 51 14.27 -6.03 -8.75
N LEU B 52 13.85 -5.46 -9.87
CA LEU B 52 14.64 -4.43 -10.55
C LEU B 52 14.65 -3.16 -9.72
N LEU B 53 13.53 -2.82 -9.08
CA LEU B 53 13.52 -1.61 -8.24
C LEU B 53 14.48 -1.79 -7.07
N ASN B 54 14.52 -2.98 -6.48
CA ASN B 54 15.43 -3.19 -5.36
C ASN B 54 16.90 -3.04 -5.75
N ARG B 55 17.27 -3.59 -6.89
CA ARG B 55 18.66 -3.51 -7.32
C ARG B 55 19.05 -2.08 -7.74
N ILE B 56 18.13 -1.30 -8.30
CA ILE B 56 18.35 0.06 -8.67
C ILE B 56 18.57 0.99 -7.47
N LEU B 57 17.78 0.76 -6.43
CA LEU B 57 17.83 1.64 -5.27
C LEU B 57 19.19 1.52 -4.59
N GLU B 58 19.81 0.34 -4.67
CA GLU B 58 21.12 0.18 -4.06
C GLU B 58 22.20 0.79 -4.95
N LYS B 59 22.03 0.71 -6.26
CA LYS B 59 22.93 1.31 -7.24
C LYS B 59 22.94 2.82 -7.10
N ALA B 60 21.74 3.37 -6.94
CA ALA B 60 21.55 4.80 -6.84
C ALA B 60 22.29 5.29 -5.61
N ARG B 61 22.15 4.60 -4.53
CA ARG B 61 22.83 4.99 -3.35
C ARG B 61 24.35 4.90 -3.51
N ARG B 62 24.84 3.86 -4.17
CA ARG B 62 26.29 3.71 -4.37
C ARG B 62 26.83 4.78 -5.35
N GLU B 63 25.98 5.46 -6.09
CA GLU B 63 26.27 6.54 -7.02
C GLU B 63 26.19 7.90 -6.28
N GLY B 64 25.87 7.88 -4.98
CA GLY B 64 25.55 9.03 -4.21
C GLY B 64 24.57 9.99 -4.78
N ASN B 65 23.50 9.48 -5.36
CA ASN B 65 22.49 10.30 -5.92
C ASN B 65 21.35 10.34 -4.91
N LYS B 66 21.46 11.26 -3.96
CA LYS B 66 20.46 11.41 -2.91
C LYS B 66 19.08 11.72 -3.47
N GLU B 67 19.03 12.62 -4.44
CA GLU B 67 17.77 13.03 -5.04
C GLU B 67 17.01 11.84 -5.63
N ALA B 68 17.75 10.92 -6.23
CA ALA B 68 17.16 9.74 -6.85
C ALA B 68 16.69 8.76 -5.80
N VAL B 69 17.48 8.57 -4.76
CA VAL B 69 17.10 7.68 -3.66
C VAL B 69 15.78 8.15 -3.03
N THR B 70 15.64 9.44 -2.75
CA THR B 70 14.42 9.96 -2.15
C THR B 70 13.19 9.63 -3.04
N LEU B 71 13.33 9.86 -4.31
CA LEU B 71 12.24 9.59 -5.25
C LEU B 71 11.97 8.10 -5.33
N MET B 72 13.02 7.26 -5.30
CA MET B 72 12.82 5.81 -5.39
C MET B 72 12.13 5.27 -4.15
N ASN B 73 12.36 5.86 -3.00
CA ASN B 73 11.70 5.48 -1.76
C ASN B 73 10.22 5.81 -1.86
N GLU B 74 9.89 6.96 -2.39
CA GLU B 74 8.52 7.33 -2.59
C GLU B 74 7.88 6.38 -3.65
N PHE B 75 8.62 6.07 -4.70
CA PHE B 75 8.12 5.11 -5.69
C PHE B 75 7.82 3.76 -5.03
N THR B 76 8.69 3.30 -4.15
CA THR B 76 8.49 2.00 -3.53
C THR B 76 7.21 1.98 -2.72
N ALA B 77 6.99 3.00 -1.89
CA ALA B 77 5.74 3.05 -1.11
C ALA B 77 4.53 3.01 -2.04
N THR B 78 4.60 3.76 -3.13
CA THR B 78 3.48 3.82 -4.08
C THR B 78 3.29 2.47 -4.74
N PHE B 79 4.37 1.87 -5.20
CA PHE B 79 4.30 0.59 -5.88
C PHE B 79 3.77 -0.50 -4.96
N GLN B 80 4.26 -0.56 -3.71
CA GLN B 80 3.79 -1.58 -2.79
C GLN B 80 2.32 -1.37 -2.44
N THR B 81 1.88 -0.12 -2.28
CA THR B 81 0.45 0.13 -2.10
C THR B 81 -0.34 -0.46 -3.27
N GLY B 82 0.09 -0.16 -4.50
CA GLY B 82 -0.60 -0.68 -5.66
C GLY B 82 -0.58 -2.19 -5.76
N LYS B 83 0.52 -2.84 -5.38
CA LYS B 83 0.57 -4.30 -5.42
C LYS B 83 -0.46 -4.90 -4.48
N SER B 84 -0.63 -4.27 -3.30
CA SER B 84 -1.66 -4.73 -2.37
C SER B 84 -3.06 -4.51 -2.95
N ILE B 85 -3.31 -3.36 -3.56
CA ILE B 85 -4.60 -3.13 -4.22
C ILE B 85 -4.84 -4.19 -5.27
N PHE B 86 -3.84 -4.45 -6.10
CA PHE B 86 -3.95 -5.43 -7.17
C PHE B 86 -4.30 -6.81 -6.62
N ASN B 87 -3.66 -7.25 -5.54
CA ASN B 87 -4.00 -8.56 -5.00
C ASN B 87 -5.46 -8.60 -4.54
N ALA B 88 -5.95 -7.51 -3.93
CA ALA B 88 -7.34 -7.47 -3.53
C ALA B 88 -8.27 -7.47 -4.73
N MET B 89 -7.89 -6.76 -5.78
CA MET B 89 -8.68 -6.71 -7.02
C MET B 89 -8.75 -8.08 -7.69
N VAL B 90 -7.66 -8.83 -7.70
CA VAL B 90 -7.65 -10.19 -8.25
C VAL B 90 -8.61 -11.08 -7.47
N ALA B 91 -8.62 -10.96 -6.14
CA ALA B 91 -9.59 -11.71 -5.36
C ALA B 91 -11.02 -11.32 -5.72
N ALA B 92 -11.28 -10.02 -5.89
CA ALA B 92 -12.64 -9.60 -6.25
C ALA B 92 -13.04 -10.15 -7.60
N PHE B 93 -12.10 -10.24 -8.55
CA PHE B 93 -12.40 -10.78 -9.86
C PHE B 93 -12.81 -12.25 -9.79
N LYS B 94 -12.02 -13.05 -9.10
CA LYS B 94 -12.33 -14.46 -9.01
C LYS B 94 -13.63 -14.70 -8.26
N ASN B 95 -14.01 -13.79 -7.36
CA ASN B 95 -15.23 -13.90 -6.59
C ASN B 95 -16.46 -13.34 -7.32
N GLY B 96 -16.28 -12.75 -8.50
CA GLY B 96 -17.40 -12.16 -9.22
C GLY B 96 -17.96 -10.94 -8.53
N ASP B 97 -17.16 -10.23 -7.76
CA ASP B 97 -17.59 -9.07 -6.98
C ASP B 97 -17.23 -7.85 -7.81
N ASP B 98 -18.18 -7.39 -8.61
CA ASP B 98 -17.93 -6.28 -9.55
C ASP B 98 -17.78 -4.97 -8.81
N ASP B 99 -18.54 -4.78 -7.76
CA ASP B 99 -18.50 -3.59 -6.90
C ASP B 99 -17.07 -3.41 -6.41
N SER B 100 -16.58 -4.43 -5.77
CA SER B 100 -15.24 -4.39 -5.19
C SER B 100 -14.19 -4.23 -6.28
N PHE B 101 -14.29 -5.02 -7.34
CA PHE B 101 -13.31 -4.96 -8.40
C PHE B 101 -13.18 -3.54 -8.95
N GLU B 102 -14.33 -2.92 -9.22
CA GLU B 102 -14.37 -1.56 -9.75
C GLU B 102 -13.68 -0.57 -8.81
N SER B 103 -13.99 -0.67 -7.52
CA SER B 103 -13.38 0.22 -6.53
C SER B 103 -11.88 0.09 -6.54
N TYR B 104 -11.38 -1.14 -6.49
CA TYR B 104 -9.95 -1.37 -6.47
C TYR B 104 -9.30 -0.95 -7.79
N LEU B 105 -10.02 -1.13 -8.91
CA LEU B 105 -9.50 -0.73 -10.21
C LEU B 105 -9.27 0.76 -10.23
N GLN B 106 -10.24 1.52 -9.75
CA GLN B 106 -10.06 2.94 -9.76
C GLN B 106 -8.94 3.39 -8.79
N ALA B 107 -8.84 2.75 -7.65
CA ALA B 107 -7.75 3.06 -6.74
C ALA B 107 -6.40 2.73 -7.38
N LEU B 108 -6.33 1.63 -8.11
CA LEU B 108 -5.09 1.25 -8.76
C LEU B 108 -4.71 2.23 -9.88
N GLU B 109 -5.73 2.77 -10.54
CA GLU B 109 -5.54 3.75 -11.60
C GLU B 109 -4.83 4.98 -11.01
N LYS B 110 -5.31 5.41 -9.84
CA LYS B 110 -4.76 6.54 -9.16
C LYS B 110 -3.30 6.33 -8.72
N VAL B 111 -3.02 5.17 -8.17
CA VAL B 111 -1.68 4.89 -7.71
C VAL B 111 -0.71 4.71 -8.87
N THR B 112 -1.19 4.10 -9.96
CA THR B 112 -0.38 3.95 -11.16
C THR B 112 0.00 5.32 -11.73
N ALA B 113 -0.94 6.26 -11.77
CA ALA B 113 -0.62 7.61 -12.24
C ALA B 113 0.43 8.29 -11.37
N LYS B 114 0.35 8.12 -10.06
CA LYS B 114 1.40 8.65 -9.19
C LYS B 114 2.75 7.99 -9.48
N GLY B 115 2.75 6.67 -9.70
CA GLY B 115 3.98 5.99 -10.09
C GLY B 115 4.57 6.53 -11.38
N GLU B 116 3.73 6.82 -12.37
CA GLU B 116 4.21 7.39 -13.61
C GLU B 116 4.87 8.75 -13.42
N THR B 117 4.26 9.60 -12.60
CA THR B 117 4.83 10.91 -12.27
C THR B 117 6.19 10.76 -11.58
N LEU B 118 6.29 9.86 -10.60
CA LEU B 118 7.56 9.63 -9.94
C LEU B 118 8.61 9.09 -10.91
N ALA B 119 8.22 8.19 -11.81
CA ALA B 119 9.16 7.64 -12.77
C ALA B 119 9.79 8.75 -13.60
N ASP B 120 8.98 9.71 -14.03
CA ASP B 120 9.52 10.82 -14.81
C ASP B 120 10.51 11.67 -14.00
N GLN B 121 10.22 11.87 -12.72
CA GLN B 121 11.13 12.61 -11.86
C GLN B 121 12.45 11.86 -11.69
N ILE B 122 12.37 10.54 -11.52
CA ILE B 122 13.57 9.73 -11.34
C ILE B 122 14.49 9.83 -12.55
N ALA B 123 13.90 9.90 -13.74
CA ALA B 123 14.69 10.05 -14.97
C ALA B 123 15.51 11.34 -14.93
N LYS B 124 14.88 12.42 -14.47
CA LYS B 124 15.53 13.73 -14.40
C LYS B 124 16.55 13.87 -13.27
N ALA B 125 16.44 12.99 -12.28
CA ALA B 125 17.37 13.02 -11.14
C ALA B 125 18.64 12.19 -11.38
N LEU B 126 18.68 11.45 -12.49
CA LEU B 126 19.83 10.61 -12.83
C LEU B 126 21.00 11.48 -13.28
S SO4 C . -19.38 -7.54 19.55
O1 SO4 C . -19.94 -7.23 20.82
O2 SO4 C . -18.04 -6.96 19.55
O3 SO4 C . -19.33 -8.92 19.27
O4 SO4 C . -20.26 -6.96 18.57
C ACT D . -2.64 7.20 23.40
O ACT D . -1.88 7.90 22.69
OXT ACT D . -3.72 6.59 23.10
CH3 ACT D . -2.16 7.03 24.82
H1 ACT D . -2.12 7.90 25.25
H2 ACT D . -2.77 6.46 25.30
H3 ACT D . -1.27 6.63 24.81
C1 GG2 E . -11.66 -2.65 7.63
C2 GG2 E . -11.66 -2.45 6.26
C3 GG2 E . -10.52 -2.75 5.54
O4 GG2 E . -12.75 -2.39 8.38
N6 GG2 E . -8.45 -4.38 4.42
C7 GG2 E . -4.26 -2.54 8.12
C8 GG2 E . -6.20 -2.69 6.79
C10 GG2 E . -7.26 -4.77 3.98
C11 GG2 E . -7.10 -5.69 2.81
C12 GG2 E . -6.23 -4.18 4.79
C13 GG2 E . -6.97 -3.44 5.78
C14 GG2 E . -3.35 -0.70 9.38
C15 GG2 E . -13.87 -1.78 7.76
C16 GG2 E . -2.90 -1.54 10.34
C19 GG2 E . -2.72 -1.16 12.62
C20 GG2 E . -0.93 -0.39 11.14
C21 GG2 E . -0.12 0.01 12.37
C22 GG2 E . -3.78 -3.35 9.08
C24 GG2 E . -4.37 -4.26 6.33
C4 GG2 E . -9.36 -3.18 6.16
C5 GG2 E . -9.42 -3.33 7.53
C6 GG2 E . -10.54 -3.05 8.28
N1 GG2 E . -8.26 -3.55 5.47
N5 GG2 E . -4.98 -3.11 7.03
C44 GG2 E . -4.03 -1.21 8.25
N2 GG2 E . -2.19 -1.04 11.42
C18 GG2 E . -3.11 -2.86 10.19
O3 GG2 E . -6.75 -1.82 7.33
C25 GG2 E . -1.03 0.67 13.36
O2 GG2 E . -3.69 -1.78 12.86
C23 GG2 E . -2.03 -0.38 13.72
O1 GG2 E . -6.04 -5.84 2.23
N3 GG2 E . -8.20 -6.24 2.38
C17 GG2 E . -4.74 -4.26 4.84
H2 GG2 E . -12.42 -2.11 5.83
H3 GG2 E . -10.54 -2.67 4.61
H14 GG2 E . -3.21 0.21 9.46
H151 GG2 E . -13.59 -0.95 7.34
H152 GG2 E . -14.55 -1.60 8.42
H153 GG2 E . -14.23 -2.38 7.08
H201 GG2 E . -1.10 0.40 10.61
H202 GG2 E . -0.39 -1.01 10.62
H211 GG2 E . 0.28 -0.77 12.77
H212 GG2 E . 0.58 0.63 12.10
H22 GG2 E . -3.91 -4.26 9.00
H241 GG2 E . -3.41 -4.18 6.39
H242 GG2 E . -4.74 -5.07 6.72
H5 GG2 E . -8.66 -3.65 7.98
H6 GG2 E . -10.53 -3.13 9.20
H44 GG2 E . -4.32 -0.61 7.59
H18 GG2 E . -2.80 -3.45 10.84
H251 GG2 E . -1.47 1.44 12.95
H252 GG2 E . -0.53 0.96 14.14
H231 GG2 E . -2.73 0.06 14.24
H232 GG2 E . -1.58 -1.01 14.29
HN31 GG2 E . -8.18 -6.85 1.58
HN32 GG2 E . -9.06 -6.07 2.86
H171 GG2 E . -4.35 -3.49 4.39
H172 GG2 E . -4.44 -5.08 4.41
C ACT F . 7.19 14.22 25.46
O ACT F . 7.32 14.27 26.71
OXT ACT F . 7.08 15.25 24.76
CH3 ACT F . 7.23 12.88 24.78
H1 ACT F . 7.74 12.97 23.87
H2 ACT F . 7.72 12.18 25.40
H3 ACT F . 6.24 12.56 24.60
C1 GG2 G . 12.49 3.33 -11.37
C2 GG2 G . 13.00 3.10 -12.61
C3 GG2 G . 12.17 3.25 -13.71
O4 GG2 G . 13.31 3.18 -10.34
N6 GG2 G . 10.62 4.52 -15.74
C7 GG2 G . 5.54 2.49 -13.62
C8 GG2 G . 7.84 2.77 -14.10
C10 GG2 G . 9.68 4.70 -16.66
C11 GG2 G . 9.79 5.39 -17.96
C12 GG2 G . 8.46 4.04 -16.16
C13 GG2 G . 8.83 3.50 -14.89
C14 GG2 G . 4.59 0.71 -12.31
C15 GG2 G . 12.77 2.91 -9.15
C16 GG2 G . 3.57 1.53 -11.84
C19 GG2 G . 1.78 0.10 -11.43
C20 GG2 G . 2.59 1.65 -9.57
C21 GG2 G . 1.45 1.05 -8.76
C22 GG2 G . 4.51 3.31 -13.15
C24 GG2 G . 6.12 3.91 -15.52
C4 GG2 G . 10.87 3.63 -13.62
C5 GG2 G . 10.40 3.88 -12.31
C6 GG2 G . 11.21 3.71 -11.18
N1 GG2 G . 10.10 3.82 -14.72
N5 GG2 G . 6.54 3.00 -14.44
C44 GG2 G . 5.55 1.16 -13.22
N2 GG2 G . 2.60 1.06 -10.95
C18 GG2 G . 3.55 2.84 -12.28
O3 GG2 G . 8.22 2.08 -13.26
C25 GG2 G . 1.20 -0.42 -9.03
O2 GG2 G . 1.77 -0.20 -12.59
C23 GG2 G . 0.81 -0.63 -10.50
O1 GG2 G . 8.99 5.32 -18.80
N3 GG2 G . 10.84 6.12 -18.12
C17 GG2 G . 7.07 3.92 -16.71
H2 GG2 G . 13.88 2.84 -12.72
H3 GG2 G . 12.52 3.08 -14.56
H14 GG2 G . 4.64 -0.17 -12.01
H151 GG2 G . 12.10 2.23 -9.25
H152 GG2 G . 13.45 2.61 -8.54
H153 GG2 G . 12.36 3.72 -8.80
H201 GG2 G . 3.43 1.47 -9.13
H202 GG2 G . 2.47 2.61 -9.64
H211 GG2 G . 0.63 1.54 -8.97
H212 GG2 G . 1.66 1.15 -7.82
H22 GG2 G . 4.48 4.20 -13.44
H241 GG2 G . 6.10 4.80 -15.15
H242 GG2 G . 5.26 3.60 -15.83
H5 GG2 G . 9.52 4.18 -12.21
H6 GG2 G . 10.87 3.87 -10.33
H44 GG2 G . 6.19 0.58 -13.55
H18 GG2 G . 2.88 3.41 -11.99
H251 GG2 G . 0.48 -0.73 -8.47
H252 GG2 G . 2.02 -0.92 -8.85
H231 GG2 G . -0.10 -0.28 -10.65
H232 GG2 G . 0.82 -1.57 -10.70
HN31 GG2 G . 10.99 6.63 -18.98
HN32 GG2 G . 11.49 6.17 -17.41
H171 GG2 G . 6.99 3.10 -17.22
H172 GG2 G . 6.87 4.68 -17.28
#